data_8Z3T
#
_entry.id   8Z3T
#
_cell.length_a   62.915
_cell.length_b   35.970
_cell.length_c   107.113
_cell.angle_alpha   90.00
_cell.angle_beta   92.75
_cell.angle_gamma   90.00
#
_symmetry.space_group_name_H-M   'C 1 2 1'
#
loop_
_entity.id
_entity.type
_entity.pdbx_description
1 polymer 'Env polyprotein'
2 polymer P-98
3 water water
#
loop_
_entity_poly.entity_id
_entity_poly.type
_entity_poly.pdbx_seq_one_letter_code
_entity_poly.pdbx_strand_id
1 'polypeptide(L)' TVQARQLLSGIVQQQNNLLRAIEAQQHLLQLTVWGIKQLQARIL(NH2) A,B,C
2 'polypeptide(L)' (ACE)YEQKIEELLKKAEEQQKKNEEELKKLEK D,E,F
#
# COMPACT_ATOMS: atom_id res chain seq x y z
N GLN A 3 13.14 -5.91 23.79
CA GLN A 3 12.21 -5.47 24.83
C GLN A 3 10.79 -5.46 24.28
N ALA A 4 10.48 -4.46 23.42
CA ALA A 4 9.23 -4.43 22.67
C ALA A 4 9.34 -5.19 21.34
N ARG A 5 10.14 -6.26 21.31
CA ARG A 5 10.38 -7.02 20.09
C ARG A 5 9.08 -7.49 19.43
N GLN A 6 8.06 -7.77 20.25
CA GLN A 6 6.83 -8.39 19.75
C GLN A 6 6.00 -7.43 18.91
N LEU A 7 6.07 -6.13 19.20
CA LEU A 7 5.40 -5.16 18.33
C LEU A 7 6.17 -4.96 17.02
N LEU A 8 7.50 -4.90 17.09
CA LEU A 8 8.32 -4.88 15.89
C LEU A 8 8.06 -6.10 15.00
N SER A 9 7.80 -7.26 15.62
CA SER A 9 7.55 -8.45 14.83
C SER A 9 6.19 -8.37 14.13
N GLY A 10 5.18 -7.81 14.81
CA GLY A 10 3.89 -7.60 14.17
C GLY A 10 3.95 -6.50 13.11
N ILE A 11 4.88 -5.55 13.26
CA ILE A 11 5.00 -4.43 12.34
C ILE A 11 5.62 -4.89 11.03
N VAL A 12 6.69 -5.69 11.11
CA VAL A 12 7.31 -6.25 9.91
C VAL A 12 6.36 -7.20 9.21
N GLN A 13 5.54 -7.94 9.97
CA GLN A 13 4.55 -8.83 9.37
C GLN A 13 3.51 -8.04 8.58
N GLN A 14 2.97 -6.99 9.21
CA GLN A 14 2.07 -6.08 8.53
C GLN A 14 2.71 -5.46 7.28
N GLN A 15 3.95 -5.01 7.39
CA GLN A 15 4.63 -4.46 6.21
C GLN A 15 4.71 -5.49 5.10
N ASN A 16 4.93 -6.76 5.45
CA ASN A 16 4.86 -7.83 4.46
C ASN A 16 3.43 -8.03 3.93
N ASN A 17 2.42 -7.96 4.81
CA ASN A 17 1.04 -8.12 4.36
C ASN A 17 0.67 -7.01 3.37
N LEU A 18 1.14 -5.79 3.62
CA LEU A 18 0.80 -4.65 2.79
C LEU A 18 1.52 -4.72 1.44
N LEU A 19 2.80 -5.07 1.44
CA LEU A 19 3.51 -5.28 0.18
C LEU A 19 2.78 -6.31 -0.68
N ARG A 20 2.45 -7.45 -0.09
CA ARG A 20 1.80 -8.51 -0.88
C ARG A 20 0.52 -8.00 -1.50
N ALA A 21 -0.30 -7.28 -0.73
CA ALA A 21 -1.55 -6.74 -1.24
C ALA A 21 -1.33 -5.73 -2.38
N ILE A 22 -0.30 -4.90 -2.27
CA ILE A 22 0.01 -3.97 -3.36
C ILE A 22 0.45 -4.74 -4.61
N GLU A 23 1.15 -5.86 -4.42
CA GLU A 23 1.58 -6.64 -5.58
C GLU A 23 0.41 -7.31 -6.26
N ALA A 24 -0.57 -7.78 -5.48
CA ALA A 24 -1.77 -8.35 -6.09
C ALA A 24 -2.57 -7.27 -6.83
N GLN A 25 -2.73 -6.10 -6.22
CA GLN A 25 -3.35 -4.97 -6.90
C GLN A 25 -2.57 -4.56 -8.15
N GLN A 26 -1.23 -4.67 -8.11
CA GLN A 26 -0.46 -4.32 -9.31
C GLN A 26 -0.79 -5.25 -10.48
N HIS A 27 -0.82 -6.56 -10.22
CA HIS A 27 -1.18 -7.51 -11.29
C HIS A 27 -2.58 -7.22 -11.84
N LEU A 28 -3.54 -6.92 -10.96
CA LEU A 28 -4.87 -6.58 -11.42
C LEU A 28 -4.87 -5.24 -12.18
N LEU A 29 -4.16 -4.22 -11.68
CA LEU A 29 -4.13 -2.94 -12.38
C LEU A 29 -3.61 -3.10 -13.83
N GLN A 30 -2.51 -3.84 -13.98
CA GLN A 30 -1.90 -4.13 -15.27
C GLN A 30 -2.90 -4.75 -16.25
N LEU A 31 -3.71 -5.70 -15.79
CA LEU A 31 -4.71 -6.29 -16.67
C LEU A 31 -5.73 -5.27 -17.17
N THR A 32 -6.13 -4.31 -16.31
CA THR A 32 -7.11 -3.30 -16.75
C THR A 32 -6.49 -2.34 -17.76
N VAL A 33 -5.23 -1.96 -17.55
CA VAL A 33 -4.52 -1.14 -18.52
C VAL A 33 -4.46 -1.84 -19.85
N TRP A 34 -4.14 -3.14 -19.82
CA TRP A 34 -4.13 -3.94 -21.05
C TRP A 34 -5.51 -4.01 -21.69
N GLY A 35 -6.55 -4.27 -20.88
CA GLY A 35 -7.89 -4.36 -21.43
C GLY A 35 -8.38 -3.05 -22.02
N ILE A 36 -8.04 -1.93 -21.38
CA ILE A 36 -8.36 -0.61 -21.92
C ILE A 36 -7.65 -0.37 -23.24
N LYS A 37 -6.41 -0.86 -23.36
CA LYS A 37 -5.69 -0.66 -24.60
C LYS A 37 -6.36 -1.40 -25.76
N GLN A 38 -6.83 -2.63 -25.51
CA GLN A 38 -7.52 -3.33 -26.61
C GLN A 38 -8.80 -2.60 -27.01
N LEU A 39 -9.54 -2.04 -26.05
CA LEU A 39 -10.76 -1.31 -26.40
C LEU A 39 -10.45 -0.05 -27.21
N GLN A 40 -9.36 0.62 -26.87
CA GLN A 40 -8.84 1.75 -27.65
C GLN A 40 -8.47 1.33 -29.08
N ALA A 41 -7.74 0.23 -29.22
CA ALA A 41 -7.32 -0.19 -30.56
C ALA A 41 -8.53 -0.61 -31.39
N ARG A 42 -9.55 -1.22 -30.76
CA ARG A 42 -10.79 -1.51 -31.48
C ARG A 42 -11.36 -0.23 -32.07
N ILE A 43 -11.30 0.87 -31.32
CA ILE A 43 -11.84 2.12 -31.87
C ILE A 43 -10.98 2.62 -33.03
N LEU A 44 -9.66 2.55 -32.89
CA LEU A 44 -8.82 3.18 -33.89
C LEU A 44 -8.84 2.35 -35.18
N ARG B 5 16.71 -2.01 18.06
CA ARG B 5 16.45 -0.58 17.95
C ARG B 5 17.03 0.00 16.64
N GLN B 6 17.88 -0.81 15.98
CA GLN B 6 18.44 -0.48 14.67
C GLN B 6 17.51 -0.84 13.53
N LEU B 7 16.52 -1.70 13.80
CA LEU B 7 15.58 -2.17 12.79
C LEU B 7 14.50 -1.14 12.49
N LEU B 8 14.29 -0.19 13.40
CA LEU B 8 13.30 0.87 13.21
C LEU B 8 13.53 1.62 11.91
N SER B 9 14.79 1.83 11.53
CA SER B 9 15.17 2.68 10.42
C SER B 9 14.91 2.02 9.06
N GLY B 10 14.84 0.70 9.00
CA GLY B 10 14.46 -0.01 7.79
C GLY B 10 12.96 -0.13 7.63
N ILE B 11 12.24 -0.10 8.77
CA ILE B 11 10.78 -0.02 8.75
C ILE B 11 10.32 1.31 8.19
N VAL B 12 10.88 2.41 8.72
CA VAL B 12 10.47 3.72 8.25
C VAL B 12 10.79 3.87 6.78
N GLN B 13 11.92 3.32 6.35
CA GLN B 13 12.29 3.39 4.95
C GLN B 13 11.36 2.55 4.08
N GLN B 14 11.00 1.36 4.57
CA GLN B 14 10.04 0.53 3.86
C GLN B 14 8.67 1.19 3.78
N GLN B 15 8.27 1.90 4.84
CA GLN B 15 7.00 2.62 4.78
C GLN B 15 7.05 3.71 3.72
N ASN B 16 8.20 4.36 3.56
CA ASN B 16 8.37 5.34 2.50
C ASN B 16 8.33 4.70 1.13
N ASN B 17 8.91 3.50 1.00
CA ASN B 17 8.86 2.78 -0.27
C ASN B 17 7.44 2.38 -0.63
N LEU B 18 6.65 1.90 0.35
CA LEU B 18 5.28 1.48 0.05
C LEU B 18 4.40 2.66 -0.34
N LEU B 19 4.50 3.75 0.43
CA LEU B 19 3.77 4.96 0.14
C LEU B 19 4.05 5.41 -1.28
N ARG B 20 5.34 5.47 -1.64
CA ARG B 20 5.73 5.83 -2.99
C ARG B 20 5.16 4.87 -4.02
N ALA B 21 5.08 3.57 -3.69
CA ALA B 21 4.51 2.61 -4.63
C ALA B 21 3.02 2.86 -4.82
N ILE B 22 2.30 3.10 -3.72
CA ILE B 22 0.86 3.35 -3.71
C ILE B 22 0.51 4.68 -4.37
N GLU B 23 1.43 5.66 -4.33
CA GLU B 23 1.24 6.93 -5.03
C GLU B 23 1.40 6.77 -6.55
N ALA B 24 2.38 5.98 -6.97
CA ALA B 24 2.50 5.67 -8.41
C ALA B 24 1.35 4.80 -8.90
N GLN B 25 0.91 3.81 -8.10
CA GLN B 25 -0.31 3.08 -8.48
C GLN B 25 -1.51 4.03 -8.62
N GLN B 26 -1.62 5.03 -7.75
CA GLN B 26 -2.76 5.96 -7.85
C GLN B 26 -2.74 6.77 -9.14
N HIS B 27 -1.55 7.15 -9.65
CA HIS B 27 -1.49 7.82 -10.95
C HIS B 27 -2.01 6.90 -12.05
N LEU B 28 -1.49 5.68 -12.07
CA LEU B 28 -1.94 4.69 -13.05
C LEU B 28 -3.47 4.51 -12.99
N LEU B 29 -4.01 4.35 -11.78
CA LEU B 29 -5.44 4.13 -11.57
C LEU B 29 -6.28 5.33 -12.01
N GLN B 30 -5.86 6.55 -11.65
CA GLN B 30 -6.51 7.75 -12.15
C GLN B 30 -6.50 7.78 -13.67
N LEU B 31 -5.43 7.25 -14.28
CA LEU B 31 -5.32 7.23 -15.73
C LEU B 31 -6.33 6.26 -16.34
N THR B 32 -6.46 5.09 -15.74
CA THR B 32 -7.42 4.11 -16.24
C THR B 32 -8.85 4.53 -15.95
N VAL B 33 -9.09 5.21 -14.84
CA VAL B 33 -10.43 5.71 -14.55
C VAL B 33 -10.85 6.73 -15.60
N TRP B 34 -9.91 7.60 -16.00
CA TRP B 34 -10.19 8.59 -17.03
C TRP B 34 -10.37 7.93 -18.39
N GLY B 35 -9.55 6.93 -18.70
CA GLY B 35 -9.73 6.22 -19.97
C GLY B 35 -11.11 5.57 -20.07
N ILE B 36 -11.52 4.87 -19.03
CA ILE B 36 -12.88 4.31 -18.98
C ILE B 36 -13.93 5.39 -19.21
N LYS B 37 -13.79 6.54 -18.54
CA LYS B 37 -14.73 7.65 -18.78
C LYS B 37 -14.86 7.98 -20.27
N GLN B 38 -13.74 8.09 -20.98
CA GLN B 38 -13.86 8.46 -22.40
C GLN B 38 -14.52 7.36 -23.25
N LEU B 39 -14.34 6.08 -22.90
CA LEU B 39 -15.01 4.99 -23.63
C LEU B 39 -16.52 4.97 -23.36
N GLN B 40 -16.91 5.17 -22.10
CA GLN B 40 -18.32 5.35 -21.78
C GLN B 40 -18.93 6.51 -22.57
N ALA B 41 -18.20 7.63 -22.69
CA ALA B 41 -18.76 8.82 -23.32
C ALA B 41 -18.91 8.65 -24.82
N ARG B 42 -18.00 7.90 -25.44
CA ARG B 42 -18.16 7.59 -26.87
C ARG B 42 -19.43 6.75 -27.09
N ILE B 43 -19.75 5.86 -26.17
CA ILE B 43 -20.96 5.06 -26.29
C ILE B 43 -22.19 5.97 -26.19
N LEU B 44 -22.19 6.85 -25.19
CA LEU B 44 -23.36 7.72 -24.97
C LEU B 44 -23.48 8.76 -26.07
N VAL C 2 13.12 2.50 26.06
CA VAL C 2 12.26 3.40 26.80
C VAL C 2 12.00 4.64 25.95
N GLN C 3 12.97 4.95 25.08
CA GLN C 3 12.75 5.95 24.05
C GLN C 3 12.07 5.30 22.85
N ALA C 4 11.82 6.08 21.80
CA ALA C 4 11.30 5.58 20.52
C ALA C 4 9.94 4.90 20.64
N ARG C 5 9.23 5.08 21.76
CA ARG C 5 7.88 4.55 21.78
C ARG C 5 6.90 5.50 21.09
N GLN C 6 7.20 6.81 21.09
CA GLN C 6 6.46 7.73 20.24
C GLN C 6 6.68 7.43 18.76
N LEU C 7 7.88 6.97 18.40
CA LEU C 7 8.17 6.64 17.01
C LEU C 7 7.34 5.44 16.56
N LEU C 8 7.34 4.37 17.37
CA LEU C 8 6.52 3.19 17.07
C LEU C 8 5.06 3.56 16.88
N SER C 9 4.57 4.51 17.68
CA SER C 9 3.23 5.06 17.49
C SER C 9 3.03 5.53 16.07
N GLY C 10 3.95 6.38 15.58
CA GLY C 10 3.83 6.91 14.22
C GLY C 10 3.84 5.82 13.15
N ILE C 11 4.72 4.83 13.33
CA ILE C 11 4.79 3.69 12.41
C ILE C 11 3.43 2.99 12.33
N VAL C 12 2.83 2.69 13.48
CA VAL C 12 1.64 1.87 13.51
C VAL C 12 0.45 2.62 12.92
N GLN C 13 0.34 3.92 13.20
CA GLN C 13 -0.73 4.69 12.59
C GLN C 13 -0.44 4.97 11.12
N GLN C 14 0.85 4.99 10.75
CA GLN C 14 1.22 5.07 9.34
C GLN C 14 0.80 3.81 8.56
N GLN C 15 0.81 2.65 9.21
CA GLN C 15 0.32 1.43 8.56
C GLN C 15 -1.20 1.45 8.44
N ASN C 16 -1.90 1.97 9.44
CA ASN C 16 -3.34 2.18 9.25
C ASN C 16 -3.57 3.13 8.09
N ASN C 17 -2.75 4.19 7.99
CA ASN C 17 -2.82 5.12 6.87
C ASN C 17 -2.70 4.39 5.54
N LEU C 18 -1.70 3.52 5.40
CA LEU C 18 -1.43 2.91 4.10
C LEU C 18 -2.47 1.84 3.76
N LEU C 19 -2.87 1.04 4.75
CA LEU C 19 -3.96 0.08 4.56
C LEU C 19 -5.25 0.79 4.14
N ARG C 20 -5.61 1.89 4.83
CA ARG C 20 -6.83 2.60 4.44
C ARG C 20 -6.71 3.13 3.00
N ALA C 21 -5.53 3.58 2.60
CA ALA C 21 -5.33 4.02 1.21
C ALA C 21 -5.43 2.85 0.23
N ILE C 22 -4.87 1.70 0.60
CA ILE C 22 -4.96 0.54 -0.28
C ILE C 22 -6.38 0.02 -0.33
N GLU C 23 -7.10 0.12 0.78
CA GLU C 23 -8.50 -0.33 0.78
C GLU C 23 -9.35 0.57 -0.09
N ALA C 24 -9.13 1.89 -0.04
CA ALA C 24 -9.83 2.80 -0.94
C ALA C 24 -9.46 2.56 -2.40
N GLN C 25 -8.16 2.41 -2.67
CA GLN C 25 -7.72 2.08 -4.02
C GLN C 25 -8.37 0.80 -4.52
N GLN C 26 -8.54 -0.19 -3.65
CA GLN C 26 -9.14 -1.45 -4.07
C GLN C 26 -10.57 -1.26 -4.56
N HIS C 27 -11.35 -0.41 -3.88
CA HIS C 27 -12.74 -0.14 -4.30
C HIS C 27 -12.79 0.52 -5.66
N LEU C 28 -11.88 1.45 -5.91
CA LEU C 28 -11.86 2.13 -7.20
C LEU C 28 -11.40 1.18 -8.31
N LEU C 29 -10.41 0.33 -8.01
CA LEU C 29 -9.97 -0.68 -8.97
C LEU C 29 -11.10 -1.67 -9.28
N GLN C 30 -11.80 -2.15 -8.24
CA GLN C 30 -12.98 -3.00 -8.44
C GLN C 30 -13.92 -2.38 -9.47
N LEU C 31 -14.14 -1.07 -9.33
CA LEU C 31 -15.06 -0.32 -10.19
C LEU C 31 -14.58 -0.29 -11.65
N THR C 32 -13.27 -0.15 -11.87
CA THR C 32 -12.72 -0.09 -13.24
C THR C 32 -12.82 -1.45 -13.91
N VAL C 33 -12.61 -2.52 -13.15
CA VAL C 33 -12.72 -3.89 -13.65
C VAL C 33 -14.14 -4.17 -14.10
N TRP C 34 -15.12 -3.88 -13.23
CA TRP C 34 -16.54 -3.94 -13.60
C TRP C 34 -16.80 -3.09 -14.85
N GLY C 35 -16.27 -1.86 -14.88
CA GLY C 35 -16.51 -1.00 -16.04
C GLY C 35 -15.99 -1.61 -17.33
N ILE C 36 -14.82 -2.24 -17.27
CA ILE C 36 -14.25 -2.88 -18.45
C ILE C 36 -15.09 -4.08 -18.86
N LYS C 37 -15.46 -4.91 -17.89
CA LYS C 37 -16.35 -6.03 -18.17
C LYS C 37 -17.58 -5.58 -18.96
N GLN C 38 -18.28 -4.52 -18.47
CA GLN C 38 -19.43 -3.97 -19.20
C GLN C 38 -19.05 -3.59 -20.64
N LEU C 39 -17.91 -2.90 -20.80
CA LEU C 39 -17.45 -2.50 -22.13
C LEU C 39 -17.15 -3.71 -23.02
N GLN C 40 -16.56 -4.77 -22.45
CA GLN C 40 -16.33 -6.01 -23.20
C GLN C 40 -17.65 -6.70 -23.58
N ALA C 41 -18.59 -6.76 -22.64
CA ALA C 41 -19.88 -7.38 -22.93
C ALA C 41 -20.58 -6.68 -24.10
N ARG C 42 -20.47 -5.35 -24.16
CA ARG C 42 -21.14 -4.63 -25.24
C ARG C 42 -20.60 -5.02 -26.60
N ILE C 43 -19.30 -5.30 -26.71
CA ILE C 43 -18.79 -5.70 -28.02
C ILE C 43 -19.25 -7.12 -28.36
N LEU C 44 -19.20 -8.02 -27.39
CA LEU C 44 -19.52 -9.42 -27.69
C LEU C 44 -21.02 -9.55 -27.98
N TYR D 2 4.63 4.56 -16.09
CA TYR D 2 4.04 4.28 -14.79
C TYR D 2 4.29 2.84 -14.36
N GLU D 3 4.05 1.87 -15.24
CA GLU D 3 4.21 0.50 -14.78
C GLU D 3 5.66 0.17 -14.47
N GLN D 4 6.60 0.63 -15.30
CA GLN D 4 8.00 0.41 -15.01
C GLN D 4 8.39 0.98 -13.66
N LYS D 5 7.93 2.20 -13.37
CA LYS D 5 8.23 2.82 -12.08
C LYS D 5 7.71 1.97 -10.93
N ILE D 6 6.43 1.57 -11.01
CA ILE D 6 5.84 0.77 -9.93
C ILE D 6 6.65 -0.49 -9.72
N GLU D 7 7.05 -1.14 -10.82
CA GLU D 7 7.88 -2.33 -10.71
C GLU D 7 9.18 -2.05 -9.97
N GLU D 8 9.76 -0.86 -10.19
CA GLU D 8 11.03 -0.49 -9.54
C GLU D 8 10.86 -0.29 -8.04
N LEU D 9 9.81 0.45 -7.65
CA LEU D 9 9.56 0.68 -6.23
C LEU D 9 9.22 -0.62 -5.53
N LEU D 10 8.48 -1.51 -6.21
CA LEU D 10 8.13 -2.79 -5.59
C LEU D 10 9.33 -3.72 -5.48
N LYS D 11 10.19 -3.72 -6.51
CA LYS D 11 11.51 -4.33 -6.45
C LYS D 11 12.23 -3.92 -5.17
N LYS D 12 12.42 -2.61 -5.02
CA LYS D 12 13.05 -2.04 -3.84
C LYS D 12 12.37 -2.50 -2.55
N ALA D 13 11.03 -2.55 -2.55
CA ALA D 13 10.30 -2.86 -1.32
C ALA D 13 10.59 -4.28 -0.86
N GLU D 14 10.58 -5.24 -1.80
CA GLU D 14 10.89 -6.63 -1.47
C GLU D 14 12.25 -6.74 -0.80
N GLU D 15 13.27 -6.05 -1.33
CA GLU D 15 14.61 -6.24 -0.80
C GLU D 15 14.76 -5.60 0.57
N GLN D 16 14.20 -4.39 0.76
CA GLN D 16 14.13 -3.82 2.10
C GLN D 16 13.37 -4.72 3.06
N GLN D 17 12.35 -5.45 2.57
CA GLN D 17 11.61 -6.38 3.41
C GLN D 17 12.50 -7.53 3.87
N LYS D 18 13.29 -8.09 2.95
CA LYS D 18 14.27 -9.12 3.33
C LYS D 18 15.27 -8.58 4.35
N LYS D 19 15.86 -7.41 4.07
CA LYS D 19 16.77 -6.79 5.01
C LYS D 19 16.09 -6.62 6.38
N ASN D 20 14.83 -6.18 6.40
CA ASN D 20 14.13 -5.99 7.66
C ASN D 20 13.97 -7.32 8.40
N GLU D 21 13.69 -8.40 7.68
CA GLU D 21 13.36 -9.63 8.36
C GLU D 21 14.62 -10.30 8.91
N GLU D 22 15.70 -10.33 8.13
CA GLU D 22 16.95 -10.88 8.62
C GLU D 22 17.46 -10.08 9.82
N GLU D 23 17.16 -8.79 9.88
CA GLU D 23 17.56 -7.97 11.02
C GLU D 23 16.69 -8.22 12.24
N LEU D 24 15.38 -8.36 12.04
CA LEU D 24 14.50 -8.77 13.14
C LEU D 24 14.89 -10.14 13.67
N LYS D 25 15.46 -10.98 12.80
CA LYS D 25 15.99 -12.27 13.24
C LYS D 25 17.19 -12.09 14.17
N LYS D 26 18.07 -11.11 13.88
CA LYS D 26 19.20 -10.84 14.77
C LYS D 26 18.72 -10.44 16.15
N LEU D 27 17.67 -9.66 16.23
CA LEU D 27 17.02 -9.31 17.48
C LEU D 27 16.26 -10.52 18.14
N GLU D 28 16.50 -11.72 17.60
CA GLU D 28 15.69 -12.91 17.87
C GLU D 28 14.23 -12.63 17.53
N LYS D 29 13.80 -13.13 16.35
CA LYS D 29 12.44 -13.01 15.81
C LYS D 29 11.62 -11.84 16.33
N TYR E 2 -14.16 8.52 -4.74
CA TYR E 2 -13.04 7.64 -4.40
C TYR E 2 -11.68 8.31 -4.61
N GLU E 3 -11.50 9.05 -5.71
CA GLU E 3 -10.19 9.64 -5.93
C GLU E 3 -9.86 10.67 -4.86
N GLN E 4 -10.85 11.49 -4.51
CA GLN E 4 -10.67 12.50 -3.48
C GLN E 4 -10.39 11.84 -2.13
N LYS E 5 -11.09 10.76 -1.80
CA LYS E 5 -10.79 10.05 -0.56
C LYS E 5 -9.35 9.54 -0.55
N ILE E 6 -8.92 8.90 -1.65
CA ILE E 6 -7.55 8.36 -1.73
C ILE E 6 -6.53 9.47 -1.59
N GLU E 7 -6.77 10.61 -2.24
CA GLU E 7 -5.83 11.72 -2.11
C GLU E 7 -5.70 12.16 -0.64
N GLU E 8 -6.81 12.26 0.11
CA GLU E 8 -6.71 12.69 1.50
C GLU E 8 -5.92 11.69 2.35
N LEU E 9 -6.14 10.39 2.14
CA LEU E 9 -5.37 9.41 2.91
C LEU E 9 -3.90 9.44 2.52
N LEU E 10 -3.60 9.62 1.24
CA LEU E 10 -2.21 9.72 0.80
C LEU E 10 -1.52 10.93 1.44
N LYS E 11 -2.17 12.10 1.36
CA LYS E 11 -1.68 13.32 1.99
C LYS E 11 -1.35 13.10 3.46
N LYS E 12 -2.29 12.50 4.20
CA LYS E 12 -2.04 12.18 5.60
C LYS E 12 -0.80 11.31 5.78
N ALA E 13 -0.69 10.24 4.99
CA ALA E 13 0.46 9.34 5.10
C ALA E 13 1.77 10.03 4.74
N GLU E 14 1.72 11.05 3.88
CA GLU E 14 2.91 11.83 3.56
C GLU E 14 3.37 12.65 4.77
N GLU E 15 2.44 13.29 5.49
CA GLU E 15 2.81 14.04 6.68
C GLU E 15 3.33 13.09 7.76
N GLN E 16 2.61 12.01 8.03
CA GLN E 16 3.01 11.07 9.08
C GLN E 16 4.38 10.50 8.81
N GLN E 17 4.66 10.19 7.53
CA GLN E 17 6.01 9.76 7.13
C GLN E 17 7.05 10.82 7.45
N LYS E 18 6.67 12.10 7.33
CA LYS E 18 7.61 13.16 7.68
C LYS E 18 7.85 13.20 9.18
N LYS E 19 6.79 13.03 9.97
CA LYS E 19 6.92 12.98 11.42
C LYS E 19 7.85 11.84 11.84
N ASN E 20 7.66 10.65 11.27
CA ASN E 20 8.44 9.48 11.70
C ASN E 20 9.91 9.63 11.36
N GLU E 21 10.24 10.32 10.26
CA GLU E 21 11.64 10.55 9.92
C GLU E 21 12.28 11.57 10.86
N GLU E 22 11.51 12.55 11.35
CA GLU E 22 12.03 13.45 12.38
C GLU E 22 12.15 12.76 13.73
N GLU E 23 11.18 11.92 14.07
CA GLU E 23 11.30 11.09 15.27
C GLU E 23 12.52 10.17 15.17
N LEU E 24 12.80 9.67 13.96
CA LEU E 24 13.92 8.74 13.76
C LEU E 24 15.25 9.46 13.88
N LYS E 25 15.37 10.66 13.30
CA LYS E 25 16.60 11.45 13.49
C LYS E 25 16.73 11.90 14.95
N LYS E 26 15.61 12.22 15.60
CA LYS E 26 15.59 12.60 17.01
C LYS E 26 15.77 11.35 17.88
N LEU E 27 16.42 10.32 17.34
CA LEU E 27 16.75 9.09 18.06
C LEU E 27 18.27 8.95 18.02
N GLU E 28 18.95 9.72 18.88
CA GLU E 28 20.39 9.68 19.10
C GLU E 28 20.70 10.59 20.28
N LYS E 29 21.98 10.68 20.64
CA LYS E 29 22.44 11.63 21.66
C LYS E 29 23.51 12.55 21.11
N TYR F 2 -7.85 -12.64 -8.90
CA TYR F 2 -7.05 -11.56 -8.31
C TYR F 2 -7.84 -10.82 -7.22
N GLU F 3 -9.14 -10.62 -7.45
CA GLU F 3 -9.95 -9.79 -6.56
C GLU F 3 -10.26 -10.52 -5.26
N GLN F 4 -10.37 -11.85 -5.32
CA GLN F 4 -10.52 -12.63 -4.09
C GLN F 4 -9.22 -12.69 -3.31
N LYS F 5 -8.09 -12.78 -4.01
CA LYS F 5 -6.82 -12.80 -3.30
C LYS F 5 -6.56 -11.46 -2.62
N ILE F 6 -6.97 -10.35 -3.24
CA ILE F 6 -6.68 -9.06 -2.63
C ILE F 6 -7.49 -8.86 -1.35
N GLU F 7 -8.76 -9.26 -1.33
CA GLU F 7 -9.50 -9.08 -0.09
C GLU F 7 -9.01 -10.03 1.00
N GLU F 8 -8.57 -11.22 0.61
CA GLU F 8 -7.91 -12.13 1.55
C GLU F 8 -6.73 -11.45 2.24
N LEU F 9 -5.86 -10.80 1.45
CA LEU F 9 -4.71 -10.11 2.05
C LEU F 9 -5.13 -8.86 2.82
N LEU F 10 -6.18 -8.16 2.37
CA LEU F 10 -6.65 -6.99 3.09
C LEU F 10 -7.22 -7.38 4.46
N LYS F 11 -8.05 -8.43 4.50
CA LYS F 11 -8.55 -8.93 5.78
C LYS F 11 -7.38 -9.31 6.68
N LYS F 12 -6.41 -10.06 6.14
CA LYS F 12 -5.26 -10.43 6.95
C LYS F 12 -4.53 -9.19 7.48
N ALA F 13 -4.44 -8.13 6.66
CA ALA F 13 -3.78 -6.93 7.13
C ALA F 13 -4.65 -6.19 8.15
N GLU F 14 -5.96 -6.34 8.07
CA GLU F 14 -6.82 -5.69 9.05
C GLU F 14 -6.79 -6.42 10.39
N GLU F 15 -6.73 -7.75 10.38
CA GLU F 15 -6.61 -8.50 11.63
C GLU F 15 -5.23 -8.39 12.24
N GLN F 16 -4.23 -7.90 11.50
CA GLN F 16 -2.90 -7.66 12.03
C GLN F 16 -2.71 -6.22 12.53
N GLN F 17 -3.36 -5.25 11.89
CA GLN F 17 -3.41 -3.90 12.44
C GLN F 17 -3.96 -3.90 13.86
N LYS F 18 -5.02 -4.68 14.11
CA LYS F 18 -5.61 -4.74 15.44
C LYS F 18 -4.63 -5.34 16.44
N LYS F 19 -3.99 -6.45 16.08
CA LYS F 19 -2.92 -6.99 16.91
C LYS F 19 -1.91 -5.92 17.28
N ASN F 20 -1.34 -5.25 16.25
CA ASN F 20 -0.28 -4.27 16.49
C ASN F 20 -0.75 -3.10 17.33
N GLU F 21 -1.99 -2.66 17.14
CA GLU F 21 -2.52 -1.54 17.92
C GLU F 21 -2.83 -1.96 19.35
N GLU F 22 -3.55 -3.07 19.52
CA GLU F 22 -3.76 -3.59 20.86
C GLU F 22 -2.43 -3.91 21.53
N GLU F 23 -1.42 -4.28 20.74
CA GLU F 23 -0.09 -4.45 21.28
C GLU F 23 0.56 -3.13 21.68
N LEU F 24 0.07 -2.02 21.15
CA LEU F 24 0.67 -0.72 21.45
C LEU F 24 0.12 -0.12 22.74
N LYS F 25 -1.20 -0.24 23.00
CA LYS F 25 -1.71 0.18 24.30
C LYS F 25 -1.08 -0.62 25.42
N LYS F 26 -0.64 -1.84 25.12
CA LYS F 26 0.13 -2.62 26.09
C LYS F 26 1.45 -1.92 26.42
N LEU F 27 2.19 -1.50 25.39
CA LEU F 27 3.45 -0.78 25.61
C LEU F 27 3.22 0.52 26.37
N GLU F 28 2.16 1.27 26.04
CA GLU F 28 1.84 2.52 26.72
C GLU F 28 1.27 2.22 28.10
N LYS F 29 2.17 2.05 29.06
CA LYS F 29 1.75 1.85 30.44
C LYS F 29 2.58 2.72 31.37
#